data_3LEH
#
_entry.id   3LEH
#
_cell.length_a   131.641
_cell.length_b   56.077
_cell.length_c   51.553
_cell.angle_alpha   90.00
_cell.angle_beta   90.32
_cell.angle_gamma   90.00
#
_symmetry.space_group_name_H-M   'C 1 2 1'
#
loop_
_entity.id
_entity.type
_entity.pdbx_description
1 polymer 'Putative hydroxymethylglutaryl-CoA synthase'
2 non-polymer 'NITRATE ION'
3 water water
#
_entity_poly.entity_id   1
_entity_poly.type   'polypeptide(L)'
_entity_poly.pdbx_seq_one_letter_code
;MGSSHHHHHHSSGLVPRGSHMASMTGGQQMGRGSMRIGIDKIGFTSSQYVLNMKDLAEARGEDPQKFSKGLLLNALSIAP
ITDDVVTLAAGSANEILTAEDKEKIDMVILATESSVDQSKAGAVYVHSLLGIQPFARSFEMKEACYSATAALNYAKLHVE
KHPDTRVLVLASDIAKYGIGTPGESTQGAGSIAMLVKKDPRILILHDETLAQTRDIMDFWRPNYTTTPYVNGMYSTKQYL
DMLKTTWAEYQKRFDVSLTDFAAFCFHLPFPKLALKGFNKIMDKQVPSDLQEKLKVNFEASILYSKQIGNIYTGSLFLGL
LSLLENSQNLVAGDKIALFSYGSGAVAEIFTGTLVKGFKEQLQTNRLDKLKRRTPLSVENYEKIFFEEAQLDDKGNASFK
EYQTGPFALKEILEHQRIYGKVNES
;
_entity_poly.pdbx_strand_id   A
#
# COMPACT_ATOMS: atom_id res chain seq x y z
N MET A 35 -20.86 -15.56 8.58
CA MET A 35 -20.01 -14.38 8.94
C MET A 35 -19.36 -13.72 7.69
N ARG A 36 -19.48 -12.39 7.56
CA ARG A 36 -18.74 -11.69 6.48
C ARG A 36 -17.70 -10.84 7.24
N ILE A 37 -16.42 -11.02 6.90
CA ILE A 37 -15.31 -10.23 7.55
C ILE A 37 -14.50 -9.62 6.44
N GLY A 38 -14.05 -8.39 6.61
CA GLY A 38 -13.18 -7.90 5.56
C GLY A 38 -12.72 -6.47 5.72
N ILE A 39 -12.37 -5.82 4.59
CA ILE A 39 -11.86 -4.45 4.63
C ILE A 39 -13.09 -3.51 4.59
N ASP A 40 -13.30 -2.82 5.70
CA ASP A 40 -14.44 -1.87 5.94
C ASP A 40 -14.10 -0.50 5.40
N LYS A 41 -12.86 -0.05 5.62
CA LYS A 41 -12.40 1.31 5.20
C LYS A 41 -10.97 1.22 4.81
N ILE A 42 -10.57 2.05 3.84
CA ILE A 42 -9.21 2.23 3.45
C ILE A 42 -8.78 3.73 3.46
N GLY A 43 -7.71 4.04 4.18
CA GLY A 43 -7.12 5.40 4.15
C GLY A 43 -5.79 5.36 3.48
N PHE A 44 -5.36 6.53 3.02
CA PHE A 44 -4.06 6.61 2.42
C PHE A 44 -3.51 7.96 2.64
N THR A 45 -2.21 8.00 2.94
CA THR A 45 -1.46 9.23 3.07
C THR A 45 -0.13 9.11 2.38
N SER A 46 0.20 10.08 1.53
CA SER A 46 1.53 10.16 1.11
C SER A 46 2.30 11.33 1.71
N SER A 47 3.57 11.51 1.34
CA SER A 47 4.26 12.66 1.95
C SER A 47 3.88 13.90 1.11
N GLN A 48 4.46 15.05 1.44
CA GLN A 48 3.93 16.36 0.99
C GLN A 48 4.74 16.99 -0.13
N TYR A 49 5.75 16.26 -0.61
CA TYR A 49 6.65 16.74 -1.68
C TYR A 49 6.63 15.75 -2.77
N VAL A 50 6.90 16.24 -3.98
CA VAL A 50 6.90 15.41 -5.15
C VAL A 50 8.12 15.71 -6.05
N LEU A 51 8.78 14.68 -6.58
CA LEU A 51 9.92 14.86 -7.49
C LEU A 51 9.44 14.33 -8.81
N ASN A 52 9.46 15.15 -9.87
CA ASN A 52 9.00 14.69 -11.19
C ASN A 52 10.09 13.91 -11.88
N MET A 53 9.70 12.85 -12.61
CA MET A 53 10.68 11.97 -13.20
C MET A 53 11.52 12.69 -14.26
N LYS A 54 10.88 13.61 -14.96
CA LYS A 54 11.55 14.32 -16.04
C LYS A 54 12.64 15.21 -15.45
N ASP A 55 12.43 15.68 -14.23
CA ASP A 55 13.43 16.47 -13.58
C ASP A 55 14.66 15.64 -13.18
N LEU A 56 14.40 14.46 -12.61
CA LEU A 56 15.41 13.49 -12.24
C LEU A 56 16.16 13.09 -13.50
N ALA A 57 15.42 12.88 -14.58
CA ALA A 57 16.04 12.41 -15.81
C ALA A 57 17.06 13.46 -16.33
N GLU A 58 16.59 14.72 -16.43
CA GLU A 58 17.39 15.85 -16.91
C GLU A 58 18.64 16.02 -16.04
N ALA A 59 18.49 15.83 -14.72
CA ALA A 59 19.60 15.97 -13.78
C ALA A 59 20.63 14.83 -13.89
N ARG A 60 20.20 13.63 -14.15
CA ARG A 60 21.12 12.52 -14.19
C ARG A 60 21.58 12.21 -15.62
N GLY A 61 21.25 13.06 -16.57
CA GLY A 61 21.39 12.73 -17.99
C GLY A 61 20.97 11.32 -18.43
N GLU A 62 19.70 10.95 -18.20
CA GLU A 62 19.28 9.58 -18.55
C GLU A 62 19.04 9.39 -20.04
N GLN A 65 13.80 10.93 -20.83
CA GLN A 65 12.44 10.46 -20.57
C GLN A 65 12.27 8.96 -20.80
N LYS A 66 13.20 8.15 -20.30
CA LYS A 66 13.05 6.67 -20.28
C LYS A 66 12.45 6.12 -18.96
N PHE A 67 12.06 7.01 -18.05
CA PHE A 67 11.30 6.59 -16.89
C PHE A 67 9.81 6.50 -17.25
N SER A 68 9.38 7.38 -18.15
CA SER A 68 7.98 7.40 -18.60
C SER A 68 7.62 6.19 -19.47
N LYS A 69 8.58 5.70 -20.25
CA LYS A 69 8.40 4.48 -21.06
C LYS A 69 8.80 3.21 -20.27
N GLY A 70 10.00 3.21 -19.69
CA GLY A 70 10.56 2.09 -18.93
C GLY A 70 9.74 1.66 -17.73
N LEU A 71 9.79 2.45 -16.65
CA LEU A 71 9.02 2.19 -15.41
C LEU A 71 7.50 2.47 -15.48
N LEU A 72 7.11 3.34 -16.42
CA LEU A 72 5.75 3.93 -16.51
C LEU A 72 5.49 4.68 -15.22
N LEU A 73 6.38 5.62 -14.91
CA LEU A 73 6.32 6.39 -13.70
C LEU A 73 6.49 7.87 -14.04
N ASN A 74 5.58 8.72 -13.58
CA ASN A 74 5.70 10.16 -13.79
C ASN A 74 6.31 11.00 -12.69
N ALA A 75 6.09 10.63 -11.42
CA ALA A 75 6.46 11.44 -10.25
C ALA A 75 6.54 10.53 -8.99
N LEU A 76 7.31 10.95 -8.00
CA LEU A 76 7.41 10.21 -6.76
C LEU A 76 7.31 11.10 -5.59
N SER A 77 6.72 10.53 -4.55
CA SER A 77 6.51 11.22 -3.29
C SER A 77 7.83 11.24 -2.53
N ILE A 78 8.28 12.37 -2.00
CA ILE A 78 9.53 12.43 -1.29
C ILE A 78 9.15 12.90 0.05
N ALA A 79 9.81 12.29 1.04
CA ALA A 79 9.44 12.45 2.41
C ALA A 79 10.58 13.24 3.08
N PRO A 80 10.25 14.24 3.91
CA PRO A 80 11.34 14.95 4.63
C PRO A 80 11.65 14.09 5.87
N ILE A 81 12.63 14.43 6.69
CA ILE A 81 13.01 13.52 7.81
C ILE A 81 11.99 13.53 8.96
N THR A 82 11.16 14.55 9.01
CA THR A 82 10.12 14.70 10.01
C THR A 82 8.81 13.97 9.67
N ASP A 83 8.79 13.32 8.52
CA ASP A 83 7.63 12.49 8.10
C ASP A 83 8.18 11.13 7.79
N ASP A 84 8.04 10.19 8.71
CA ASP A 84 8.59 8.87 8.54
C ASP A 84 7.53 7.77 8.52
N VAL A 85 7.93 6.51 8.59
CA VAL A 85 6.90 5.45 8.51
C VAL A 85 5.78 5.57 9.55
N VAL A 86 6.18 5.91 10.76
CA VAL A 86 5.20 6.10 11.82
C VAL A 86 4.16 7.20 11.54
N THR A 87 4.65 8.38 11.09
CA THR A 87 3.76 9.53 10.97
C THR A 87 2.94 9.27 9.68
N LEU A 88 3.53 8.72 8.63
CA LEU A 88 2.67 8.39 7.47
C LEU A 88 1.59 7.35 7.83
N ALA A 89 2.00 6.34 8.59
CA ALA A 89 1.03 5.38 9.09
C ALA A 89 -0.09 6.00 9.85
N ALA A 90 0.26 6.77 10.90
CA ALA A 90 -0.76 7.46 11.66
C ALA A 90 -1.68 8.37 10.81
N GLY A 91 -1.07 9.15 9.95
CA GLY A 91 -1.79 9.93 8.91
C GLY A 91 -2.89 9.08 8.23
N SER A 92 -2.50 7.93 7.66
CA SER A 92 -3.40 7.18 6.80
C SER A 92 -4.56 6.64 7.62
N ALA A 93 -4.31 6.27 8.88
CA ALA A 93 -5.37 5.88 9.85
C ALA A 93 -6.29 7.03 10.31
N ASN A 94 -5.70 8.19 10.53
CA ASN A 94 -6.45 9.41 10.84
C ASN A 94 -7.50 9.72 9.71
N GLU A 95 -7.21 9.31 8.46
CA GLU A 95 -8.14 9.48 7.37
C GLU A 95 -9.46 8.80 7.65
N ILE A 96 -9.42 7.68 8.34
CA ILE A 96 -10.59 6.78 8.32
C ILE A 96 -11.18 6.42 9.63
N LEU A 97 -10.46 6.68 10.72
CA LEU A 97 -10.90 6.10 12.00
C LEU A 97 -11.92 6.99 12.69
N THR A 98 -12.92 6.37 13.31
CA THR A 98 -13.80 7.11 14.21
C THR A 98 -13.51 6.81 15.66
N ALA A 99 -14.09 7.64 16.54
CA ALA A 99 -14.05 7.36 17.98
C ALA A 99 -14.50 5.91 18.32
N GLU A 100 -15.57 5.44 17.72
CA GLU A 100 -16.04 4.08 17.95
C GLU A 100 -14.95 3.06 17.49
N ASP A 101 -14.42 3.24 16.26
CA ASP A 101 -13.29 2.40 15.87
C ASP A 101 -12.25 2.33 16.94
N LYS A 102 -11.85 3.48 17.45
CA LYS A 102 -10.75 3.51 18.37
C LYS A 102 -11.04 2.74 19.66
N GLU A 103 -12.32 2.62 20.02
CA GLU A 103 -12.72 1.93 21.27
C GLU A 103 -12.80 0.43 20.99
N LYS A 104 -13.04 0.03 19.75
CA LYS A 104 -13.23 -1.38 19.36
C LYS A 104 -11.97 -2.08 18.72
N ILE A 105 -11.00 -1.29 18.26
CA ILE A 105 -9.75 -1.86 17.76
C ILE A 105 -8.94 -2.47 18.95
N ASP A 106 -8.57 -3.74 18.87
CA ASP A 106 -7.72 -4.32 19.93
C ASP A 106 -6.45 -4.96 19.35
N MET A 107 -6.15 -4.69 18.05
CA MET A 107 -4.93 -5.10 17.36
C MET A 107 -4.52 -4.03 16.27
N VAL A 108 -3.27 -3.61 16.33
CA VAL A 108 -2.68 -2.57 15.43
C VAL A 108 -1.45 -3.22 14.86
N ILE A 109 -1.47 -3.53 13.57
CA ILE A 109 -0.30 -4.11 12.99
C ILE A 109 0.35 -3.19 11.94
N LEU A 110 1.66 -3.07 12.01
CA LEU A 110 2.41 -2.19 11.13
C LEU A 110 3.24 -3.11 10.17
N ALA A 111 2.84 -3.19 8.92
CA ALA A 111 3.61 -3.92 7.92
C ALA A 111 4.59 -2.90 7.32
N THR A 112 5.89 -3.16 7.39
CA THR A 112 6.85 -2.14 6.90
C THR A 112 8.14 -2.89 6.67
N GLU A 113 8.93 -2.40 5.72
CA GLU A 113 10.32 -2.82 5.76
C GLU A 113 11.27 -1.68 6.09
N SER A 114 10.73 -0.57 6.62
CA SER A 114 11.47 0.72 6.82
C SER A 114 11.36 0.97 8.29
N ASP A 117 13.48 1.46 14.74
CA ASP A 117 14.10 1.33 16.04
C ASP A 117 14.89 0.04 16.08
N SER A 119 14.48 -2.65 17.85
CA SER A 119 13.57 -3.52 18.61
C SER A 119 12.07 -3.11 18.67
N LYS A 120 11.79 -1.84 19.04
CA LYS A 120 10.41 -1.36 19.27
C LYS A 120 9.59 -1.21 18.00
N ALA A 121 8.41 -1.81 17.98
CA ALA A 121 7.52 -1.77 16.79
C ALA A 121 6.93 -0.36 16.52
N GLY A 122 7.06 0.17 15.30
CA GLY A 122 6.36 1.46 14.97
C GLY A 122 4.89 1.50 15.45
N ALA A 123 4.27 0.29 15.53
CA ALA A 123 2.86 0.19 15.81
C ALA A 123 2.57 0.75 17.19
N VAL A 124 3.55 0.79 18.11
CA VAL A 124 3.24 1.25 19.48
C VAL A 124 3.09 2.74 19.39
N TYR A 125 3.94 3.39 18.63
CA TYR A 125 3.77 4.88 18.50
C TYR A 125 2.45 5.20 17.82
N VAL A 126 2.14 4.47 16.73
CA VAL A 126 0.89 4.68 16.09
C VAL A 126 -0.32 4.46 17.02
N HIS A 127 -0.34 3.35 17.78
CA HIS A 127 -1.35 3.19 18.80
C HIS A 127 -1.55 4.44 19.67
N SER A 128 -0.48 5.03 20.18
CA SER A 128 -0.69 6.21 21.07
C SER A 128 -1.15 7.49 20.31
N LEU A 129 -0.48 7.80 19.19
CA LEU A 129 -0.88 8.94 18.34
C LEU A 129 -2.32 8.90 17.96
N LEU A 130 -2.91 7.73 17.78
CA LEU A 130 -4.29 7.62 17.31
C LEU A 130 -5.25 7.52 18.48
N GLY A 131 -4.73 7.38 19.70
CA GLY A 131 -5.62 7.27 20.84
C GLY A 131 -6.47 6.02 20.89
N ILE A 132 -5.95 4.93 20.35
CA ILE A 132 -6.63 3.64 20.43
C ILE A 132 -6.67 3.12 21.88
N GLN A 133 -7.75 2.41 22.22
CA GLN A 133 -8.02 1.95 23.62
C GLN A 133 -6.82 1.07 24.01
N PRO A 134 -6.46 1.04 25.29
CA PRO A 134 -5.17 0.44 25.71
C PRO A 134 -5.09 -1.08 25.62
N PHE A 135 -6.17 -1.82 25.84
CA PHE A 135 -6.10 -3.30 25.76
C PHE A 135 -6.04 -3.94 24.34
N ALA A 136 -4.95 -3.59 23.68
CA ALA A 136 -4.71 -4.03 22.31
C ALA A 136 -3.26 -4.57 22.22
N ARG A 137 -3.06 -5.47 21.27
CA ARG A 137 -1.78 -5.94 20.77
C ARG A 137 -1.35 -4.97 19.66
N SER A 138 -0.11 -4.58 19.68
CA SER A 138 0.60 -3.72 18.67
C SER A 138 1.92 -4.37 18.28
N PHE A 139 2.20 -4.57 16.98
CA PHE A 139 3.45 -5.10 16.63
C PHE A 139 3.62 -4.86 15.13
N GLU A 140 4.84 -5.16 14.70
CA GLU A 140 5.19 -5.08 13.35
C GLU A 140 5.23 -6.46 12.65
N MET A 141 4.94 -6.43 11.41
CA MET A 141 5.24 -7.61 10.59
C MET A 141 6.20 -7.32 9.38
N LYS A 142 7.13 -8.22 9.14
CA LYS A 142 8.19 -7.97 8.17
C LYS A 142 8.48 -9.13 7.24
N GLU A 143 8.47 -8.83 5.97
CA GLU A 143 8.94 -9.70 4.90
C GLU A 143 8.85 -8.92 3.60
N ALA A 144 9.82 -8.05 3.41
CA ALA A 144 9.87 -7.20 2.22
C ALA A 144 8.48 -6.62 1.86
N CYS A 145 8.02 -6.70 0.60
CA CYS A 145 6.78 -6.02 0.21
C CYS A 145 5.57 -6.86 0.56
N TYR A 146 5.80 -8.10 0.94
CA TYR A 146 4.70 -9.04 1.26
C TYR A 146 3.86 -8.85 2.59
N SER A 147 4.47 -8.34 3.65
CA SER A 147 3.91 -8.43 5.03
C SER A 147 2.55 -7.90 5.30
N ALA A 148 2.06 -6.88 4.58
CA ALA A 148 0.69 -6.42 4.86
C ALA A 148 -0.35 -7.48 4.50
N THR A 149 -0.10 -8.35 3.51
CA THR A 149 -0.98 -9.51 3.25
C THR A 149 -1.14 -10.49 4.42
N ALA A 150 -0.04 -10.75 5.13
CA ALA A 150 -0.07 -11.57 6.36
C ALA A 150 -0.79 -10.84 7.45
N ALA A 151 -0.53 -9.52 7.57
CA ALA A 151 -1.23 -8.70 8.59
C ALA A 151 -2.78 -8.82 8.32
N LEU A 152 -3.19 -8.78 7.04
CA LEU A 152 -4.61 -8.78 6.67
C LEU A 152 -5.20 -10.15 7.06
N ASN A 153 -4.45 -11.21 6.77
CA ASN A 153 -4.93 -12.55 7.14
C ASN A 153 -5.13 -12.75 8.67
N TYR A 154 -4.12 -12.40 9.49
CA TYR A 154 -4.21 -12.47 10.88
C TYR A 154 -5.39 -11.63 11.33
N ALA A 155 -5.49 -10.39 10.81
CA ALA A 155 -6.59 -9.46 11.22
C ALA A 155 -8.00 -10.11 11.02
N LYS A 156 -8.13 -10.73 9.87
CA LYS A 156 -9.35 -11.40 9.51
C LYS A 156 -9.72 -12.57 10.47
N LEU A 157 -8.74 -13.42 10.80
CA LEU A 157 -8.99 -14.60 11.57
C LEU A 157 -9.30 -14.12 12.91
N HIS A 158 -8.61 -13.09 13.29
CA HIS A 158 -8.82 -12.55 14.64
C HIS A 158 -10.28 -12.02 14.77
N VAL A 159 -10.76 -11.27 13.79
CA VAL A 159 -12.14 -10.77 13.87
C VAL A 159 -13.12 -11.95 13.76
N GLU A 160 -12.84 -12.93 12.92
CA GLU A 160 -13.70 -14.15 12.96
C GLU A 160 -13.88 -14.70 14.35
N LYS A 161 -12.77 -14.80 15.06
CA LYS A 161 -12.74 -15.46 16.32
C LYS A 161 -13.39 -14.58 17.35
N HIS A 162 -13.23 -13.25 17.22
CA HIS A 162 -13.76 -12.31 18.20
C HIS A 162 -14.53 -11.27 17.39
N PRO A 163 -15.78 -11.60 17.04
CA PRO A 163 -16.36 -10.80 16.01
C PRO A 163 -16.81 -9.44 16.47
N ASP A 164 -16.61 -9.08 17.73
CA ASP A 164 -16.96 -7.75 18.15
C ASP A 164 -15.80 -6.75 18.06
N THR A 165 -14.63 -7.23 17.62
CA THR A 165 -13.42 -6.41 17.63
C THR A 165 -13.14 -5.96 16.22
N ARG A 166 -12.22 -5.03 16.10
CA ARG A 166 -11.76 -4.50 14.84
C ARG A 166 -10.21 -4.46 14.94
N VAL A 167 -9.60 -4.41 13.77
CA VAL A 167 -8.13 -4.44 13.71
C VAL A 167 -7.76 -3.41 12.66
N LEU A 168 -6.65 -2.77 12.94
CA LEU A 168 -6.09 -1.77 12.08
C LEU A 168 -4.81 -2.27 11.56
N VAL A 169 -4.78 -2.42 10.25
CA VAL A 169 -3.64 -2.82 9.50
C VAL A 169 -3.02 -1.60 8.80
N LEU A 170 -1.75 -1.34 9.06
CA LEU A 170 -1.02 -0.23 8.44
C LEU A 170 0.06 -0.87 7.48
N ALA A 171 0.19 -0.31 6.28
CA ALA A 171 1.28 -0.75 5.38
C ALA A 171 1.99 0.52 4.92
N SER A 172 3.09 0.80 5.57
CA SER A 172 3.71 2.10 5.51
C SER A 172 5.17 1.93 5.21
N ASP A 173 5.73 2.63 4.21
CA ASP A 173 7.11 2.49 3.81
C ASP A 173 7.63 3.71 3.08
N ILE A 174 8.98 3.84 3.09
CA ILE A 174 9.65 4.90 2.33
C ILE A 174 10.75 4.17 1.55
N ALA A 175 10.60 4.04 0.24
CA ALA A 175 11.57 3.38 -0.55
C ALA A 175 12.67 4.44 -0.87
N LYS A 176 13.91 4.16 -0.45
CA LYS A 176 14.97 5.18 -0.52
C LYS A 176 16.24 4.44 -0.93
N TYR A 177 16.77 4.77 -2.09
CA TYR A 177 17.97 4.17 -2.57
C TYR A 177 19.06 5.23 -2.60
N ILE A 179 21.05 8.31 -4.43
CA ILE A 179 21.48 9.17 -5.55
C ILE A 179 22.39 8.42 -6.51
N GLY A 180 22.06 8.49 -7.78
CA GLY A 180 22.88 7.84 -8.82
C GLY A 180 22.77 6.32 -8.83
N THR A 181 22.09 5.78 -7.82
CA THR A 181 21.80 4.34 -7.70
C THR A 181 20.76 3.98 -8.76
N PRO A 182 20.74 2.72 -9.24
CA PRO A 182 19.66 2.35 -10.18
C PRO A 182 18.25 2.18 -9.55
N GLY A 183 18.16 2.06 -8.22
CA GLY A 183 16.88 2.16 -7.51
C GLY A 183 16.36 3.59 -7.31
N GLU A 184 17.12 4.60 -7.72
CA GLU A 184 16.70 5.98 -7.46
C GLU A 184 15.34 6.35 -8.10
N SER A 185 15.03 5.80 -9.27
CA SER A 185 13.81 6.24 -9.90
C SER A 185 12.59 5.40 -9.48
N THR A 186 12.74 4.63 -8.39
CA THR A 186 11.66 3.76 -7.81
C THR A 186 11.58 3.97 -6.30
N GLN A 187 11.76 5.22 -5.95
CA GLN A 187 11.70 5.63 -4.59
C GLN A 187 10.26 6.07 -4.38
N GLY A 188 9.85 6.37 -3.16
CA GLY A 188 8.46 6.63 -2.92
C GLY A 188 8.22 6.70 -1.41
N ALA A 189 7.04 7.13 -1.02
CA ALA A 189 6.65 7.28 0.37
C ALA A 189 5.12 7.24 0.46
N GLY A 190 4.59 6.46 1.38
CA GLY A 190 3.17 6.56 1.73
C GLY A 190 2.72 5.41 2.59
N SER A 191 1.47 5.42 2.99
CA SER A 191 0.96 4.34 3.83
C SER A 191 -0.51 4.21 3.63
N ILE A 192 -0.95 2.97 3.71
CA ILE A 192 -2.33 2.62 3.50
C ILE A 192 -2.71 2.07 4.82
N ALA A 193 -3.89 2.48 5.26
CA ALA A 193 -4.47 1.92 6.42
C ALA A 193 -5.73 1.18 6.03
N MET A 194 -5.92 0.01 6.64
CA MET A 194 -7.15 -0.76 6.45
C MET A 194 -7.77 -1.04 7.81
N LEU A 195 -9.08 -0.81 7.92
CA LEU A 195 -9.83 -1.16 9.08
C LEU A 195 -10.58 -2.48 8.71
N VAL A 196 -10.27 -3.55 9.41
CA VAL A 196 -10.86 -4.92 9.22
C VAL A 196 -11.89 -5.20 10.32
N LYS A 197 -13.08 -5.64 9.89
CA LYS A 197 -14.16 -5.92 10.84
C LYS A 197 -15.21 -6.74 10.17
N LYS A 198 -16.19 -7.21 10.94
CA LYS A 198 -17.23 -7.92 10.21
C LYS A 198 -18.22 -6.95 9.57
N ASP A 199 -19.02 -7.49 8.67
CA ASP A 199 -19.95 -6.74 7.78
C ASP A 199 -19.19 -5.51 7.27
N PRO A 200 -18.02 -5.73 6.70
CA PRO A 200 -17.26 -4.62 6.12
C PRO A 200 -18.04 -3.94 5.00
N ARG A 201 -17.72 -2.67 4.78
CA ARG A 201 -18.42 -1.91 3.73
C ARG A 201 -17.73 -1.79 2.44
N ILE A 202 -16.50 -2.34 2.29
CA ILE A 202 -15.86 -2.27 1.02
C ILE A 202 -15.64 -3.64 0.43
N LEU A 203 -14.85 -4.47 1.14
CA LEU A 203 -14.40 -5.70 0.48
C LEU A 203 -14.49 -6.88 1.45
N ILE A 204 -15.35 -7.87 1.12
CA ILE A 204 -15.43 -9.14 1.91
C ILE A 204 -14.26 -10.03 1.56
N LEU A 205 -13.49 -10.45 2.55
CA LEU A 205 -12.30 -11.28 2.24
C LEU A 205 -12.67 -12.75 2.27
N HIS A 206 -12.12 -13.54 1.36
CA HIS A 206 -12.50 -14.98 1.35
C HIS A 206 -11.51 -15.89 2.07
N ASP A 207 -11.99 -17.06 2.46
CA ASP A 207 -11.14 -18.00 3.14
C ASP A 207 -10.11 -18.66 2.26
N GLU A 208 -10.30 -18.70 0.98
CA GLU A 208 -9.35 -19.42 0.18
C GLU A 208 -8.12 -18.58 -0.20
N THR A 209 -6.95 -18.85 0.36
CA THR A 209 -5.75 -18.08 0.04
C THR A 209 -4.66 -19.11 -0.21
N LEU A 210 -3.66 -18.76 -1.02
CA LEU A 210 -2.51 -19.66 -1.28
C LEU A 210 -1.24 -18.84 -1.21
N ALA A 211 -0.36 -19.16 -0.25
CA ALA A 211 0.99 -18.52 -0.21
C ALA A 211 2.10 -19.46 -0.64
N GLN A 212 3.20 -18.92 -1.10
CA GLN A 212 4.36 -19.72 -1.52
C GLN A 212 5.65 -19.06 -0.97
N THR A 213 6.58 -19.86 -0.42
CA THR A 213 7.88 -19.32 -0.05
C THR A 213 8.94 -20.04 -0.86
N ARG A 214 9.85 -19.30 -1.49
CA ARG A 214 10.96 -19.83 -2.25
C ARG A 214 12.18 -18.96 -1.87
N ASP A 215 13.13 -19.53 -1.13
CA ASP A 215 14.37 -18.82 -0.74
C ASP A 215 15.17 -18.62 -2.02
N ILE A 216 15.35 -17.36 -2.40
CA ILE A 216 15.91 -16.96 -3.68
C ILE A 216 17.07 -15.99 -3.49
N SER A 235 15.14 -11.98 -11.65
CA SER A 235 14.62 -11.10 -10.60
C SER A 235 13.27 -10.47 -10.97
N THR A 236 13.12 -10.07 -12.22
CA THR A 236 11.81 -9.88 -12.84
C THR A 236 11.28 -11.29 -13.01
N LYS A 237 12.18 -12.18 -13.46
CA LYS A 237 11.90 -13.58 -13.69
C LYS A 237 11.31 -14.22 -12.43
N GLN A 238 11.68 -13.69 -11.27
CA GLN A 238 11.15 -14.15 -9.99
C GLN A 238 9.75 -13.66 -9.62
N TYR A 239 9.53 -12.34 -9.64
CA TYR A 239 8.18 -11.83 -9.47
C TYR A 239 7.27 -12.63 -10.39
N LEU A 240 7.73 -12.83 -11.62
CA LEU A 240 6.88 -13.50 -12.61
C LEU A 240 6.72 -14.99 -12.35
N ASP A 241 7.82 -15.68 -12.02
CA ASP A 241 7.70 -17.12 -11.77
C ASP A 241 6.89 -17.37 -10.50
N MET A 242 7.14 -16.58 -9.46
CA MET A 242 6.28 -16.68 -8.30
C MET A 242 4.79 -16.42 -8.64
N LEU A 243 4.52 -15.42 -9.46
CA LEU A 243 3.15 -15.18 -9.93
C LEU A 243 2.57 -16.41 -10.68
N LYS A 244 3.31 -16.93 -11.64
CA LYS A 244 2.80 -18.06 -12.43
C LYS A 244 2.46 -19.29 -11.59
N THR A 245 3.46 -19.75 -10.84
CA THR A 245 3.30 -20.95 -10.00
C THR A 245 2.23 -20.74 -8.90
N THR A 246 2.17 -19.55 -8.29
CA THR A 246 1.17 -19.40 -7.24
C THR A 246 -0.24 -19.37 -7.83
N TRP A 247 -0.38 -18.57 -8.88
CA TRP A 247 -1.67 -18.44 -9.58
C TRP A 247 -2.14 -19.82 -10.09
N ALA A 248 -1.25 -20.57 -10.74
CA ALA A 248 -1.59 -21.96 -11.17
C ALA A 248 -2.13 -22.85 -10.04
N GLU A 249 -1.35 -22.96 -8.95
CA GLU A 249 -1.76 -23.81 -7.89
C GLU A 249 -3.03 -23.25 -7.31
N TYR A 250 -3.16 -21.92 -7.28
CA TYR A 250 -4.36 -21.34 -6.70
C TYR A 250 -5.66 -21.83 -7.41
N GLN A 251 -5.61 -21.81 -8.73
CA GLN A 251 -6.78 -22.18 -9.55
C GLN A 251 -7.06 -23.67 -9.43
N LYS A 252 -5.99 -24.45 -9.47
CA LYS A 252 -6.06 -25.93 -9.22
C LYS A 252 -6.75 -26.22 -7.90
N ARG A 253 -6.22 -25.70 -6.78
CA ARG A 253 -6.84 -25.99 -5.47
C ARG A 253 -8.22 -25.45 -5.20
N PHE A 254 -8.56 -24.30 -5.75
CA PHE A 254 -9.85 -23.74 -5.39
C PHE A 254 -10.79 -23.75 -6.56
N ASP A 255 -10.29 -24.22 -7.71
CA ASP A 255 -11.10 -24.37 -8.94
C ASP A 255 -11.81 -23.04 -9.30
N VAL A 256 -10.97 -22.05 -9.62
CA VAL A 256 -11.42 -20.79 -10.16
C VAL A 256 -10.54 -20.50 -11.34
N SER A 257 -10.93 -19.52 -12.12
CA SER A 257 -10.34 -19.30 -13.40
C SER A 257 -10.35 -17.78 -13.54
N LEU A 258 -9.52 -17.26 -14.42
CA LEU A 258 -9.52 -15.83 -14.77
C LEU A 258 -10.94 -15.27 -14.93
N THR A 259 -11.88 -16.11 -15.37
CA THR A 259 -13.23 -15.66 -15.73
C THR A 259 -14.09 -15.41 -14.51
N ASP A 260 -13.66 -15.82 -13.34
CA ASP A 260 -14.50 -15.61 -12.14
C ASP A 260 -14.30 -14.21 -11.52
N PHE A 261 -13.42 -13.44 -12.15
CA PHE A 261 -12.88 -12.17 -11.62
C PHE A 261 -13.20 -11.00 -12.52
N ALA A 262 -13.42 -9.84 -11.90
CA ALA A 262 -13.61 -8.56 -12.60
C ALA A 262 -12.34 -7.72 -12.68
N ALA A 263 -11.35 -8.03 -11.83
CA ALA A 263 -10.16 -7.24 -11.75
C ALA A 263 -9.10 -8.08 -11.05
N PHE A 264 -7.86 -7.85 -11.43
CA PHE A 264 -6.70 -8.46 -10.80
C PHE A 264 -5.69 -7.34 -10.43
N CYS A 265 -5.29 -7.27 -9.15
CA CYS A 265 -4.38 -6.23 -8.67
C CYS A 265 -3.13 -6.90 -8.27
N PHE A 266 -2.03 -6.17 -8.42
CA PHE A 266 -0.68 -6.67 -8.24
C PHE A 266 0.16 -5.81 -7.34
N HIS A 267 1.14 -6.44 -6.75
CA HIS A 267 2.08 -5.69 -6.07
C HIS A 267 2.76 -4.78 -7.13
N LEU A 268 3.05 -3.53 -6.78
CA LEU A 268 3.42 -2.51 -7.81
C LEU A 268 4.64 -1.67 -7.38
N PRO A 269 5.84 -2.22 -7.50
CA PRO A 269 7.10 -1.51 -7.23
C PRO A 269 7.27 -0.40 -8.26
N PHE A 270 6.90 -0.72 -9.50
CA PHE A 270 6.71 0.25 -10.59
C PHE A 270 5.74 -0.39 -11.62
N PRO A 271 4.97 0.43 -12.34
CA PRO A 271 3.79 -0.13 -13.01
C PRO A 271 4.15 -1.06 -14.20
N LYS A 272 5.28 -0.80 -14.82
CA LYS A 272 5.73 -1.70 -15.86
C LYS A 272 5.88 -3.16 -15.38
N LEU A 273 6.48 -3.39 -14.21
CA LEU A 273 6.58 -4.77 -13.70
C LEU A 273 5.18 -5.36 -13.55
N ALA A 274 4.24 -4.61 -12.96
CA ALA A 274 2.87 -5.12 -12.84
C ALA A 274 2.22 -5.44 -14.21
N LEU A 275 2.46 -4.58 -15.23
CA LEU A 275 1.96 -4.83 -16.60
C LEU A 275 2.41 -6.20 -17.09
N LYS A 276 3.71 -6.46 -16.95
CA LYS A 276 4.29 -7.78 -17.27
C LYS A 276 3.53 -8.93 -16.63
N GLY A 277 3.24 -8.81 -15.33
CA GLY A 277 2.48 -9.80 -14.57
C GLY A 277 1.03 -9.91 -15.01
N PHE A 278 0.39 -8.79 -15.22
CA PHE A 278 -0.94 -8.81 -15.86
C PHE A 278 -0.86 -9.53 -17.22
N ASN A 279 0.13 -9.18 -18.02
CA ASN A 279 0.29 -9.79 -19.34
C ASN A 279 0.33 -11.33 -19.28
N LYS A 280 1.06 -11.92 -18.33
CA LYS A 280 0.88 -13.34 -18.04
C LYS A 280 -0.59 -13.59 -17.57
N ILE A 281 -1.49 -13.62 -18.57
CA ILE A 281 -2.94 -13.91 -18.46
C ILE A 281 -3.64 -13.43 -19.74
N ASP A 283 -3.79 -16.66 -21.65
CA ASP A 283 -5.19 -17.05 -21.69
C ASP A 283 -5.95 -16.03 -22.56
N LYS A 284 -5.28 -15.53 -23.60
CA LYS A 284 -5.89 -14.68 -24.64
C LYS A 284 -6.91 -15.50 -25.45
N GLN A 285 -7.29 -16.65 -24.87
CA GLN A 285 -8.30 -17.53 -25.41
C GLN A 285 -9.42 -17.57 -24.37
N PRO A 287 -15.07 -13.88 -23.26
CA PRO A 287 -13.76 -13.33 -22.97
C PRO A 287 -13.18 -12.19 -23.81
N SER A 288 -13.90 -11.56 -24.73
CA SER A 288 -13.27 -10.35 -25.28
C SER A 288 -13.80 -9.14 -24.52
N ASP A 289 -15.06 -9.19 -24.10
CA ASP A 289 -15.56 -8.19 -23.16
C ASP A 289 -14.71 -8.28 -21.89
N LEU A 290 -14.58 -9.47 -21.34
CA LEU A 290 -13.71 -9.63 -20.19
C LEU A 290 -12.30 -9.16 -20.47
N GLN A 291 -11.72 -9.53 -21.60
CA GLN A 291 -10.34 -9.16 -21.85
C GLN A 291 -10.16 -7.63 -21.81
N GLU A 292 -11.16 -6.87 -22.27
CA GLU A 292 -11.02 -5.42 -22.39
C GLU A 292 -11.25 -4.81 -21.01
N LYS A 293 -12.19 -5.38 -20.30
CA LYS A 293 -12.61 -4.90 -19.01
C LYS A 293 -11.49 -5.04 -17.96
N LEU A 294 -10.89 -6.23 -17.94
CA LEU A 294 -9.68 -6.51 -17.17
C LEU A 294 -8.51 -5.59 -17.48
N LYS A 295 -8.26 -5.26 -18.76
CA LYS A 295 -7.19 -4.32 -19.12
C LYS A 295 -7.50 -2.92 -18.58
N VAL A 296 -8.77 -2.54 -18.67
CA VAL A 296 -9.17 -1.22 -18.24
C VAL A 296 -9.02 -1.12 -16.71
N ASN A 297 -9.37 -2.21 -16.02
CA ASN A 297 -9.35 -2.21 -14.55
C ASN A 297 -7.93 -2.24 -14.11
N PHE A 298 -7.10 -2.96 -14.87
CA PHE A 298 -5.66 -2.87 -14.64
C PHE A 298 -5.10 -1.44 -14.81
N GLU A 299 -5.50 -0.74 -15.89
CA GLU A 299 -4.97 0.60 -16.06
C GLU A 299 -5.43 1.51 -14.89
N ALA A 300 -6.68 1.33 -14.44
CA ALA A 300 -7.27 2.08 -13.35
C ALA A 300 -6.45 1.85 -12.07
N SER A 301 -6.01 0.60 -11.88
CA SER A 301 -5.28 0.19 -10.63
C SER A 301 -3.89 0.79 -10.49
N ILE A 302 -3.23 1.12 -11.61
CA ILE A 302 -1.87 1.69 -11.57
C ILE A 302 -1.79 3.23 -11.52
N LEU A 303 -2.93 3.88 -11.74
CA LEU A 303 -3.01 5.33 -11.79
C LEU A 303 -2.28 6.03 -10.61
N TYR A 304 -2.60 5.66 -9.35
CA TYR A 304 -1.97 6.36 -8.23
C TYR A 304 -0.47 6.09 -8.21
N SER A 305 -0.10 4.86 -8.52
CA SER A 305 1.32 4.50 -8.34
C SER A 305 2.15 5.33 -9.31
N LYS A 306 1.55 5.69 -10.43
CA LYS A 306 2.28 6.49 -11.45
C LYS A 306 2.71 7.86 -10.95
N GLN A 307 1.97 8.38 -9.97
CA GLN A 307 2.26 9.65 -9.33
C GLN A 307 3.02 9.61 -7.99
N ILE A 308 3.16 8.42 -7.38
CA ILE A 308 3.65 8.33 -5.98
C ILE A 308 4.94 7.52 -5.91
N GLY A 309 5.10 6.52 -6.75
CA GLY A 309 6.32 5.72 -6.68
C GLY A 309 6.10 4.41 -5.93
N ASN A 310 7.20 3.76 -5.58
CA ASN A 310 7.14 2.47 -4.83
C ASN A 310 6.93 2.75 -3.38
N ILE A 311 5.94 2.10 -2.78
CA ILE A 311 5.77 2.23 -1.38
C ILE A 311 5.87 0.85 -0.74
N TYR A 312 6.52 -0.10 -1.39
CA TYR A 312 6.81 -1.45 -0.81
C TYR A 312 5.54 -2.16 -0.29
N THR A 313 5.44 -2.38 1.03
CA THR A 313 4.29 -3.18 1.48
C THR A 313 2.92 -2.63 1.06
N GLY A 314 2.78 -1.30 0.98
CA GLY A 314 1.45 -0.73 0.67
C GLY A 314 0.99 -0.81 -0.79
N SER A 315 1.92 -1.20 -1.67
CA SER A 315 1.74 -0.96 -3.10
C SER A 315 0.55 -1.69 -3.67
N LEU A 316 0.45 -3.00 -3.36
CA LEU A 316 -0.73 -3.80 -3.73
C LEU A 316 -2.02 -3.14 -3.31
N PHE A 317 -2.07 -2.54 -2.10
CA PHE A 317 -3.33 -2.10 -1.66
C PHE A 317 -3.62 -0.68 -2.14
N LEU A 318 -2.54 0.04 -2.47
CA LEU A 318 -2.70 1.37 -3.06
C LEU A 318 -3.32 1.10 -4.48
N GLY A 319 -2.85 0.04 -5.10
CA GLY A 319 -3.46 -0.37 -6.42
C GLY A 319 -4.95 -0.70 -6.25
N LEU A 320 -5.30 -1.43 -5.22
CA LEU A 320 -6.70 -1.79 -4.95
C LEU A 320 -7.52 -0.49 -4.80
N LEU A 321 -6.99 0.44 -4.01
CA LEU A 321 -7.64 1.74 -3.80
C LEU A 321 -7.82 2.51 -5.14
N SER A 322 -6.75 2.58 -5.92
CA SER A 322 -6.66 3.29 -7.22
C SER A 322 -7.71 2.59 -8.11
N LEU A 323 -7.76 1.25 -8.06
CA LEU A 323 -8.84 0.54 -8.80
C LEU A 323 -10.24 0.93 -8.35
N LEU A 324 -10.51 1.02 -7.04
CA LEU A 324 -11.89 1.19 -6.62
C LEU A 324 -12.35 2.62 -6.95
N GLU A 325 -11.41 3.54 -6.86
CA GLU A 325 -11.70 4.96 -7.12
C GLU A 325 -11.68 5.38 -8.58
N ASN A 326 -11.11 4.59 -9.49
CA ASN A 326 -10.94 4.93 -10.89
C ASN A 326 -11.61 4.02 -11.93
N SER A 327 -11.99 2.81 -11.58
CA SER A 327 -12.73 2.00 -12.54
C SER A 327 -14.15 2.49 -12.58
N GLN A 328 -14.75 2.52 -13.77
CA GLN A 328 -16.16 2.97 -13.80
C GLN A 328 -17.08 1.76 -14.05
N ASN A 329 -16.53 0.55 -13.99
CA ASN A 329 -17.29 -0.64 -14.33
C ASN A 329 -17.53 -1.67 -13.22
N LEU A 330 -16.88 -1.51 -12.07
CA LEU A 330 -17.05 -2.40 -10.89
C LEU A 330 -18.34 -2.17 -10.15
N VAL A 331 -19.02 -3.28 -9.83
CA VAL A 331 -20.25 -3.30 -9.07
C VAL A 331 -20.25 -4.29 -7.94
N ALA A 332 -21.10 -4.04 -6.94
CA ALA A 332 -21.32 -4.89 -5.78
C ALA A 332 -21.46 -6.36 -6.25
N GLY A 333 -20.69 -7.28 -5.62
CA GLY A 333 -20.74 -8.72 -5.89
C GLY A 333 -19.64 -9.11 -6.86
N ASP A 334 -18.99 -8.13 -7.45
CA ASP A 334 -17.86 -8.42 -8.30
C ASP A 334 -16.71 -8.96 -7.40
N LYS A 335 -15.87 -9.81 -7.98
CA LYS A 335 -14.72 -10.40 -7.25
C LYS A 335 -13.42 -9.95 -7.80
N ILE A 336 -12.49 -9.73 -6.87
CA ILE A 336 -11.22 -9.21 -7.26
C ILE A 336 -10.16 -10.21 -6.81
N ALA A 337 -9.19 -10.52 -7.65
CA ALA A 337 -7.99 -11.31 -7.32
C ALA A 337 -6.82 -10.36 -7.05
N LEU A 338 -6.01 -10.75 -6.08
CA LEU A 338 -4.90 -9.95 -5.67
C LEU A 338 -3.67 -10.78 -5.47
N PHE A 339 -2.56 -10.30 -5.99
CA PHE A 339 -1.30 -11.02 -5.95
C PHE A 339 -0.34 -10.19 -5.12
N SER A 340 0.01 -10.73 -3.97
CA SER A 340 0.98 -10.05 -3.14
C SER A 340 2.34 -10.65 -3.30
N TYR A 341 3.40 -9.84 -3.27
CA TYR A 341 4.77 -10.37 -3.42
C TYR A 341 5.76 -9.62 -2.58
N GLY A 342 6.72 -10.37 -2.07
CA GLY A 342 7.85 -9.70 -1.45
C GLY A 342 9.10 -10.43 -1.83
N SER A 343 10.15 -9.67 -2.10
CA SER A 343 11.44 -10.21 -2.45
C SER A 343 11.93 -11.19 -1.34
N GLY A 344 12.79 -12.12 -1.73
CA GLY A 344 13.29 -13.14 -0.80
C GLY A 344 13.12 -14.63 -1.03
N ALA A 345 11.96 -15.15 -1.47
CA ALA A 345 10.71 -14.42 -1.75
C ALA A 345 9.51 -15.14 -1.17
N VAL A 346 8.40 -14.40 -1.02
CA VAL A 346 7.17 -14.97 -0.64
C VAL A 346 6.05 -14.30 -1.43
N ALA A 347 5.04 -15.06 -1.75
CA ALA A 347 3.91 -14.52 -2.46
C ALA A 347 2.62 -15.10 -1.93
N GLU A 348 1.49 -14.46 -2.25
CA GLU A 348 0.22 -15.00 -1.85
C GLU A 348 -0.89 -14.49 -2.80
N ILE A 349 -1.82 -15.36 -3.12
CA ILE A 349 -2.97 -14.96 -3.89
C ILE A 349 -4.13 -15.03 -2.92
N PHE A 350 -4.92 -13.97 -2.91
CA PHE A 350 -6.11 -13.96 -2.08
C PHE A 350 -7.19 -13.15 -2.84
N THR A 351 -8.44 -13.25 -2.43
CA THR A 351 -9.51 -12.64 -3.22
C THR A 351 -10.50 -11.92 -2.35
N GLY A 352 -11.43 -11.19 -2.98
CA GLY A 352 -12.32 -10.43 -2.17
C GLY A 352 -13.53 -10.09 -3.02
N THR A 353 -14.64 -9.78 -2.40
CA THR A 353 -15.85 -9.38 -3.18
C THR A 353 -16.38 -8.01 -2.73
N LEU A 354 -16.74 -7.17 -3.70
CA LEU A 354 -17.22 -5.80 -3.37
C LEU A 354 -18.55 -5.79 -2.71
N VAL A 355 -18.65 -4.97 -1.68
CA VAL A 355 -19.88 -4.85 -1.00
C VAL A 355 -20.73 -3.71 -1.56
N LYS A 356 -22.04 -3.91 -1.56
CA LYS A 356 -22.94 -2.84 -2.02
C LYS A 356 -22.70 -1.58 -1.20
N GLY A 357 -22.50 -0.47 -1.90
CA GLY A 357 -22.30 0.79 -1.19
C GLY A 357 -20.83 1.16 -0.99
N PHE A 358 -19.94 0.35 -1.55
CA PHE A 358 -18.51 0.49 -1.21
C PHE A 358 -18.02 1.86 -1.70
N LYS A 359 -18.64 2.44 -2.73
CA LYS A 359 -18.20 3.76 -3.16
C LYS A 359 -18.29 4.83 -2.11
N GLU A 360 -19.22 4.68 -1.20
CA GLU A 360 -19.43 5.65 -0.14
C GLU A 360 -18.25 5.77 0.81
N GLN A 361 -17.42 4.73 0.91
CA GLN A 361 -16.20 4.84 1.72
C GLN A 361 -15.03 5.42 0.95
N LEU A 362 -15.19 5.70 -0.34
CA LEU A 362 -14.01 6.16 -1.14
C LEU A 362 -13.89 7.68 -1.17
N GLN A 363 -12.82 8.16 -1.78
CA GLN A 363 -12.70 9.57 -2.14
C GLN A 363 -12.70 9.79 -3.63
N THR A 364 -13.25 10.92 -4.10
CA THR A 364 -13.29 11.23 -5.54
C THR A 364 -12.27 12.21 -5.99
N ASN A 365 -11.56 12.85 -5.08
CA ASN A 365 -10.61 13.90 -5.52
C ASN A 365 -9.18 13.59 -5.09
N ARG A 366 -8.81 12.32 -5.03
CA ARG A 366 -7.46 11.98 -4.63
C ARG A 366 -6.37 12.45 -5.59
N LEU A 367 -6.60 12.36 -6.89
CA LEU A 367 -5.64 12.84 -7.88
C LEU A 367 -5.44 14.34 -7.72
N ASP A 368 -6.53 15.08 -7.42
CA ASP A 368 -6.38 16.50 -7.07
C ASP A 368 -5.56 16.70 -5.84
N LYS A 369 -5.80 15.96 -4.77
CA LYS A 369 -4.99 16.12 -3.55
C LYS A 369 -3.53 15.85 -3.82
N LEU A 370 -3.19 14.87 -4.66
CA LEU A 370 -1.76 14.59 -4.89
C LEU A 370 -1.07 15.77 -5.61
N LYS A 371 -1.83 16.53 -6.37
CA LYS A 371 -1.24 17.66 -7.11
C LYS A 371 -0.92 18.76 -6.12
N ARG A 372 -1.40 18.69 -4.88
CA ARG A 372 -1.06 19.73 -3.94
C ARG A 372 0.37 19.57 -3.37
N ARG A 373 0.99 18.42 -3.62
CA ARG A 373 2.36 18.11 -3.12
C ARG A 373 3.30 19.23 -3.64
N THR A 374 4.28 19.64 -2.82
CA THR A 374 5.21 20.71 -3.22
C THR A 374 6.30 20.13 -4.09
N PRO A 375 6.48 20.67 -5.30
CA PRO A 375 7.40 20.08 -6.26
C PRO A 375 8.84 20.41 -5.73
N LEU A 376 9.79 19.50 -5.95
CA LEU A 376 11.20 19.79 -5.63
C LEU A 376 12.07 19.73 -6.79
N SER A 377 13.08 20.62 -6.84
CA SER A 377 14.16 20.48 -7.81
C SER A 377 14.90 19.25 -7.36
N VAL A 378 15.62 18.63 -8.29
CA VAL A 378 16.52 17.60 -7.83
C VAL A 378 17.45 18.05 -6.71
N GLU A 379 18.05 19.25 -6.80
CA GLU A 379 18.94 19.64 -5.72
C GLU A 379 18.28 19.64 -4.40
N ASN A 380 17.03 20.07 -4.34
CA ASN A 380 16.38 20.13 -3.03
C ASN A 380 15.82 18.79 -2.60
N TYR A 381 15.47 17.93 -3.56
CA TYR A 381 15.10 16.55 -3.21
C TYR A 381 16.31 15.85 -2.61
N GLU A 382 17.53 16.12 -3.10
CA GLU A 382 18.68 15.42 -2.56
C GLU A 382 18.86 15.89 -1.14
N LYS A 383 18.72 17.18 -0.95
CA LYS A 383 18.91 17.75 0.40
C LYS A 383 17.91 17.23 1.44
N ILE A 384 16.62 17.19 1.08
CA ILE A 384 15.57 16.83 2.06
C ILE A 384 15.47 15.29 2.19
N PHE A 385 15.61 14.58 1.08
CA PHE A 385 15.28 13.16 1.14
C PHE A 385 16.36 12.46 1.93
N PHE A 386 17.60 12.96 1.83
CA PHE A 386 18.74 12.21 2.33
C PHE A 386 19.28 12.76 3.59
N GLU A 387 18.57 13.73 4.15
CA GLU A 387 18.89 14.28 5.43
C GLU A 387 18.85 13.19 6.56
N GLU A 388 19.90 13.16 7.38
CA GLU A 388 19.97 12.23 8.54
C GLU A 388 19.99 13.05 9.82
N ALA A 389 19.48 12.47 10.90
CA ALA A 389 19.38 13.18 12.15
C ALA A 389 20.80 13.34 12.72
N GLN A 390 21.08 14.42 13.46
CA GLN A 390 22.44 14.63 13.97
C GLN A 390 22.52 14.65 15.48
N ALA A 397 18.57 15.58 18.89
CA ALA A 397 18.37 16.41 17.68
C ALA A 397 17.08 17.23 17.67
N SER A 398 17.16 18.39 17.00
CA SER A 398 15.99 19.12 16.56
C SER A 398 16.02 19.08 15.03
N PHE A 399 14.92 19.51 14.40
CA PHE A 399 14.76 19.43 12.91
C PHE A 399 14.21 20.73 12.34
N LYS A 400 14.55 21.02 11.10
CA LYS A 400 13.83 22.07 10.38
C LYS A 400 12.33 21.71 10.32
N GLU A 401 11.48 22.72 10.21
CA GLU A 401 10.07 22.50 10.00
C GLU A 401 9.86 22.20 8.51
N TYR A 402 9.35 21.00 8.19
CA TYR A 402 9.05 20.68 6.79
C TYR A 402 7.55 20.49 6.65
N GLN A 403 7.07 20.42 5.41
CA GLN A 403 5.69 20.09 5.20
C GLN A 403 5.43 18.59 5.56
N THR A 404 4.40 18.37 6.36
CA THR A 404 4.01 17.03 6.77
C THR A 404 2.48 16.91 6.74
N GLY A 405 1.97 15.71 7.04
CA GLY A 405 0.57 15.42 7.20
C GLY A 405 0.23 15.79 8.65
N PRO A 406 -0.90 15.25 9.19
CA PRO A 406 -1.31 15.69 10.54
C PRO A 406 -0.30 15.37 11.67
N PHE A 407 0.64 14.45 11.46
CA PHE A 407 1.57 14.05 12.51
C PHE A 407 3.00 14.25 12.04
N ALA A 408 3.93 14.44 12.97
CA ALA A 408 5.30 14.61 12.54
C ALA A 408 6.30 14.19 13.59
N LEU A 409 7.49 13.86 13.15
CA LEU A 409 8.59 13.63 14.09
C LEU A 409 9.06 15.01 14.60
N LYS A 410 8.84 15.34 15.88
CA LYS A 410 9.16 16.67 16.40
C LYS A 410 10.65 16.86 16.71
N GLU A 411 11.29 15.83 17.25
CA GLU A 411 12.69 15.90 17.68
C GLU A 411 13.11 14.56 18.20
N ILE A 412 14.37 14.43 18.54
CA ILE A 412 14.81 13.26 19.26
C ILE A 412 15.29 13.68 20.66
N LEU A 413 14.69 13.15 21.72
CA LEU A 413 15.14 13.44 23.09
C LEU A 413 15.86 12.23 23.57
N GLU A 414 17.16 12.40 23.68
CA GLU A 414 18.12 11.40 23.36
C GLU A 414 17.92 10.06 24.03
N HIS A 415 17.86 9.00 23.28
CA HIS A 415 17.57 9.01 21.88
C HIS A 415 16.17 8.48 21.63
N GLN A 416 15.20 9.07 22.27
CA GLN A 416 13.79 8.74 22.00
C GLN A 416 13.22 9.58 20.83
N ARG A 417 12.59 8.96 19.83
CA ARG A 417 11.89 9.77 18.83
C ARG A 417 10.67 10.37 19.46
N ILE A 418 10.52 11.69 19.40
CA ILE A 418 9.31 12.35 19.92
C ILE A 418 8.32 12.66 18.78
N TYR A 419 7.10 12.13 18.88
CA TYR A 419 6.11 12.42 17.80
C TYR A 419 4.98 13.20 18.35
N GLY A 420 4.29 13.93 17.48
CA GLY A 420 3.08 14.61 17.86
C GLY A 420 2.27 15.15 16.70
N LYS A 421 1.09 15.63 17.06
CA LYS A 421 0.24 16.33 16.10
C LYS A 421 0.90 17.64 15.76
N VAL A 422 0.83 18.02 14.50
CA VAL A 422 1.47 19.22 14.01
C VAL A 422 0.51 20.37 13.98
#